data_5N1W
#
_entry.id   5N1W
#
_cell.length_a   57.301
_cell.length_b   60.610
_cell.length_c   66.905
_cell.angle_alpha   90.00
_cell.angle_beta   99.63
_cell.angle_gamma   90.00
#
_symmetry.space_group_name_H-M   'P 1 21 1'
#
loop_
_entity.id
_entity.type
_entity.pdbx_description
1 polymer XEco2
2 polymer ILE-GLY-ALA-LYX-LYS-ALA,ILE-GLY-ALA-LYX-LYS-ALA,ILE-GLY-ALA-LYX-LYS-ALA,ILE-GLY-ALA-LYX-LYS-ALA
3 non-polymer 'MAGNESIUM ION'
4 non-polymer '(2~{S})-2-[2-[3-[[(2~{R})-4-[[[(2~{R},3~{S},4~{R},5~{R})-5-(6-aminopurin-9-yl)-4-oxidanyl-3-phosphonooxy-oxolan-2-yl]methoxy-oxidanyl-phosphoryl]oxy-oxidanyl-phosphoryl]oxy-3,3-dimethyl-2-oxidanyl-butanoyl]amino]propanoylamino]ethylsulfanyl]propanoic acid'
5 water water
#
loop_
_entity_poly.entity_id
_entity_poly.type
_entity_poly.pdbx_seq_one_letter_code
_entity_poly.pdbx_strand_id
1 'polypeptide(L)'
;GSMKKERVITEFWDGKIIMVSPDDPKYALKKAEEVRELVDSELGFQQVSLRCPSQTRTYMFVSNEKKIVGCLIAEPIREA
YRVLAEPPSLHSLHGEPLERHRAWRCSTEPEPAICGISRIWVFALMRRKAIASRMVDAVRSSFMYGSVLTTEEIAFSDPT
PDGKLFASTYCKVPDFLVYNFVS
;
A,B
2 'polypeptide(L)' VIGAKKA C,D
#
loop_
_chem_comp.id
_chem_comp.type
_chem_comp.name
_chem_comp.formula
8HB non-polymer '(2~{S})-2-[2-[3-[[(2~{R})-4-[[[(2~{R},3~{S},4~{R},5~{R})-5-(6-aminopurin-9-yl)-4-oxidanyl-3-phosphonooxy-oxolan-2-yl]methoxy-oxidanyl-phosphoryl]oxy-oxidanyl-phosphoryl]oxy-3,3-dimethyl-2-oxidanyl-butanoyl]amino]propanoylamino]ethylsulfanyl]propanoic acid' 'C24 H40 N7 O18 P3 S'
MG non-polymer 'MAGNESIUM ION' 'Mg 2'
#
# COMPACT_ATOMS: atom_id res chain seq x y z
N LYS A 4 -13.78 27.64 -5.11
CA LYS A 4 -13.36 26.24 -5.05
C LYS A 4 -13.72 25.46 -6.32
N LYS A 5 -12.73 25.33 -7.21
CA LYS A 5 -12.90 24.47 -8.37
C LYS A 5 -13.20 23.03 -7.89
N GLU A 6 -14.20 22.39 -8.51
CA GLU A 6 -14.71 21.08 -8.10
C GLU A 6 -14.81 20.17 -9.31
N ARG A 7 -14.30 18.95 -9.20
CA ARG A 7 -14.25 18.02 -10.34
C ARG A 7 -15.48 17.12 -10.25
N VAL A 8 -16.48 17.43 -11.06
CA VAL A 8 -17.73 16.68 -11.05
C VAL A 8 -17.64 15.59 -12.11
N ILE A 9 -17.80 14.34 -11.67
CA ILE A 9 -17.81 13.19 -12.58
C ILE A 9 -19.22 12.93 -13.12
N THR A 10 -20.20 12.90 -12.24
CA THR A 10 -21.55 12.59 -12.66
C THR A 10 -22.49 13.29 -11.71
N GLU A 11 -23.66 13.69 -12.23
CA GLU A 11 -24.69 14.42 -11.51
C GLU A 11 -26.00 13.63 -11.54
N PHE A 12 -26.75 13.67 -10.45
CA PHE A 12 -27.98 12.87 -10.35
C PHE A 12 -29.08 13.69 -9.69
N TRP A 13 -30.29 13.13 -9.62
CA TRP A 13 -31.35 13.89 -8.95
C TRP A 13 -31.10 13.99 -7.47
N ASP A 14 -30.41 13.02 -6.87
CA ASP A 14 -30.22 13.01 -5.43
C ASP A 14 -28.81 13.37 -4.98
N GLY A 15 -27.98 13.88 -5.87
CA GLY A 15 -26.65 14.32 -5.49
C GLY A 15 -25.72 14.23 -6.68
N LYS A 16 -24.41 14.30 -6.39
CA LYS A 16 -23.41 14.27 -7.44
C LYS A 16 -22.14 13.57 -6.94
N ILE A 17 -21.38 13.01 -7.87
CA ILE A 17 -20.11 12.37 -7.53
C ILE A 17 -18.97 13.27 -7.98
N ILE A 18 -18.09 13.59 -7.03
CA ILE A 18 -16.88 14.35 -7.31
C ILE A 18 -15.64 13.49 -7.02
N MET A 19 -14.51 13.92 -7.57
CA MET A 19 -13.23 13.23 -7.44
C MET A 19 -12.16 14.23 -7.01
N VAL A 20 -11.30 13.78 -6.10
CA VAL A 20 -10.16 14.53 -5.61
C VAL A 20 -8.91 13.77 -6.02
N SER A 21 -8.02 14.45 -6.72
CA SER A 21 -6.76 13.91 -7.20
C SER A 21 -5.60 14.33 -6.31
N PRO A 22 -4.49 13.59 -6.38
CA PRO A 22 -3.34 13.91 -5.50
C PRO A 22 -2.75 15.31 -5.73
N ASP A 23 -2.94 15.89 -6.89
CA ASP A 23 -2.45 17.23 -7.17
C ASP A 23 -3.56 18.28 -7.20
N ASP A 24 -4.54 18.19 -6.31
CA ASP A 24 -5.56 19.21 -6.14
C ASP A 24 -5.16 20.12 -4.99
N PRO A 25 -5.80 21.27 -4.85
CA PRO A 25 -5.44 22.18 -3.76
C PRO A 25 -5.56 21.51 -2.40
N LYS A 26 -4.84 22.09 -1.43
CA LYS A 26 -4.86 21.61 -0.04
C LYS A 26 -6.26 21.48 0.53
N TYR A 27 -7.18 22.41 0.20
CA TYR A 27 -8.51 22.33 0.78
C TYR A 27 -9.21 21.06 0.36
N ALA A 28 -8.97 20.61 -0.87
CA ALA A 28 -9.62 19.37 -1.32
C ALA A 28 -8.98 18.19 -0.61
N LEU A 29 -7.65 18.20 -0.47
CA LEU A 29 -6.94 17.08 0.10
C LEU A 29 -7.22 16.94 1.59
N LYS A 30 -7.51 18.04 2.28
CA LYS A 30 -7.92 17.94 3.68
C LYS A 30 -9.32 17.37 3.80
N LYS A 31 -10.24 17.84 2.98
CA LYS A 31 -11.57 17.27 3.03
C LYS A 31 -11.51 15.77 2.72
N ALA A 32 -10.76 15.38 1.67
CA ALA A 32 -10.58 13.95 1.41
C ALA A 32 -10.07 13.21 2.65
N GLU A 33 -9.09 13.80 3.35
CA GLU A 33 -8.54 13.18 4.56
C GLU A 33 -9.57 13.10 5.67
N GLU A 34 -10.29 14.20 5.94
CA GLU A 34 -11.35 14.15 6.95
C GLU A 34 -12.30 13.00 6.69
N VAL A 35 -12.64 12.79 5.43
CA VAL A 35 -13.59 11.75 5.07
C VAL A 35 -12.97 10.38 5.30
N ARG A 36 -11.71 10.21 4.89
CA ARG A 36 -11.02 8.96 5.18
C ARG A 36 -10.97 8.67 6.68
N GLU A 37 -10.70 9.69 7.50
CA GLU A 37 -10.63 9.48 8.93
C GLU A 37 -11.95 8.92 9.45
N LEU A 38 -13.07 9.52 9.02
CA LEU A 38 -14.37 9.05 9.44
C LEU A 38 -14.59 7.60 9.01
N VAL A 39 -14.26 7.28 7.77
CA VAL A 39 -14.40 5.91 7.28
C VAL A 39 -13.57 4.95 8.11
N ASP A 40 -12.25 5.21 8.23
CA ASP A 40 -11.39 4.31 9.00
C ASP A 40 -11.98 4.11 10.39
N SER A 41 -12.38 5.20 11.01
CA SER A 41 -12.98 5.08 12.32
C SER A 41 -14.25 4.25 12.25
N GLU A 42 -15.10 4.50 11.27
CA GLU A 42 -16.34 3.74 11.13
C GLU A 42 -16.03 2.25 11.08
N LEU A 43 -15.01 1.87 10.30
CA LEU A 43 -14.56 0.48 10.21
C LEU A 43 -13.85 -0.01 11.47
N GLY A 44 -13.57 0.85 12.43
CA GLY A 44 -13.05 0.41 13.71
C GLY A 44 -11.55 0.32 13.76
N PHE A 45 -10.86 1.25 13.11
CA PHE A 45 -9.40 1.31 13.17
C PHE A 45 -8.98 2.42 14.12
N GLN A 46 -8.02 2.13 14.99
CA GLN A 46 -7.50 3.20 15.83
C GLN A 46 -6.37 3.96 15.16
N GLN A 47 -5.51 3.26 14.43
CA GLN A 47 -4.35 3.88 13.80
C GLN A 47 -4.21 3.31 12.41
N VAL A 48 -3.82 4.15 11.46
CA VAL A 48 -3.67 3.70 10.08
C VAL A 48 -2.36 4.28 9.55
N SER A 49 -1.37 3.41 9.35
CA SER A 49 -0.04 3.79 8.88
C SER A 49 0.22 3.10 7.55
N LEU A 50 0.10 3.82 6.45
CA LEU A 50 0.21 3.21 5.12
C LEU A 50 1.09 4.11 4.25
N ARG A 51 1.28 3.67 3.00
CA ARG A 51 2.00 4.41 2.00
C ARG A 51 1.35 5.79 1.76
N CYS A 52 2.04 6.60 0.99
CA CYS A 52 1.60 7.96 0.71
C CYS A 52 0.28 7.98 -0.06
N PRO A 53 -0.73 8.70 0.43
CA PRO A 53 -1.98 8.82 -0.34
C PRO A 53 -1.83 9.42 -1.73
N SER A 54 -0.63 9.87 -2.12
CA SER A 54 -0.41 10.42 -3.46
C SER A 54 -0.69 9.41 -4.56
N GLN A 55 -0.90 8.14 -4.21
CA GLN A 55 -1.31 7.16 -5.22
C GLN A 55 -2.83 7.21 -5.46
N THR A 56 -3.59 7.44 -4.40
CA THR A 56 -5.03 7.28 -4.42
C THR A 56 -5.78 8.39 -5.14
N ARG A 57 -7.03 8.07 -5.51
CA ARG A 57 -8.05 9.02 -5.89
C ARG A 57 -9.25 8.82 -5.00
N THR A 58 -9.85 9.91 -4.54
CA THR A 58 -10.97 9.84 -3.61
C THR A 58 -12.25 10.32 -4.30
N TYR A 59 -13.22 9.41 -4.48
CA TYR A 59 -14.54 9.76 -5.00
C TYR A 59 -15.53 9.99 -3.86
N MET A 60 -16.30 11.08 -3.92
CA MET A 60 -17.28 11.38 -2.88
C MET A 60 -18.65 11.61 -3.51
N PHE A 61 -19.67 11.01 -2.90
CA PHE A 61 -21.07 11.27 -3.28
C PHE A 61 -21.59 12.36 -2.34
N VAL A 62 -21.95 13.48 -2.93
CA VAL A 62 -22.37 14.70 -2.25
C VAL A 62 -23.87 14.81 -2.42
N SER A 63 -24.59 14.88 -1.30
CA SER A 63 -26.04 15.01 -1.37
C SER A 63 -26.48 16.43 -1.75
N ASN A 64 -27.77 16.61 -2.01
CA ASN A 64 -28.27 17.94 -2.35
C ASN A 64 -28.14 18.93 -1.20
N GLU A 65 -27.94 18.46 0.02
CA GLU A 65 -27.64 19.31 1.17
C GLU A 65 -26.14 19.49 1.41
N LYS A 66 -25.28 19.19 0.42
CA LYS A 66 -23.86 19.47 0.55
C LYS A 66 -23.19 18.64 1.63
N LYS A 67 -23.72 17.44 1.91
CA LYS A 67 -23.10 16.53 2.86
C LYS A 67 -22.48 15.37 2.09
N ILE A 68 -21.31 14.94 2.54
CA ILE A 68 -20.58 13.83 1.92
C ILE A 68 -21.12 12.56 2.54
N VAL A 69 -21.93 11.83 1.78
CA VAL A 69 -22.59 10.65 2.31
C VAL A 69 -22.05 9.38 1.71
N GLY A 70 -21.16 9.47 0.74
CA GLY A 70 -20.50 8.30 0.20
C GLY A 70 -19.08 8.65 -0.18
N CYS A 71 -18.23 7.66 -0.04
CA CYS A 71 -16.82 7.83 -0.26
C CYS A 71 -16.26 6.55 -0.83
N LEU A 72 -15.38 6.69 -1.83
CA LEU A 72 -14.69 5.56 -2.43
C LEU A 72 -13.25 6.00 -2.70
N ILE A 73 -12.27 5.28 -2.15
CA ILE A 73 -10.84 5.55 -2.38
C ILE A 73 -10.28 4.45 -3.27
N ALA A 74 -9.82 4.85 -4.45
CA ALA A 74 -9.28 3.92 -5.43
C ALA A 74 -7.77 4.10 -5.55
N GLU A 75 -7.09 3.01 -5.86
CA GLU A 75 -5.65 3.05 -6.08
C GLU A 75 -5.30 2.10 -7.22
N PRO A 76 -4.22 2.37 -7.94
CA PRO A 76 -3.82 1.45 -9.02
C PRO A 76 -3.25 0.15 -8.48
N ILE A 77 -3.58 -0.93 -9.17
CA ILE A 77 -3.12 -2.28 -8.84
C ILE A 77 -2.79 -2.96 -10.15
N ARG A 78 -2.09 -4.09 -10.05
CA ARG A 78 -1.70 -4.88 -11.22
C ARG A 78 -2.39 -6.22 -11.30
N GLU A 79 -2.66 -6.86 -10.16
CA GLU A 79 -3.20 -8.21 -10.13
C GLU A 79 -4.11 -8.35 -8.93
N ALA A 80 -4.94 -9.39 -8.96
CA ALA A 80 -5.87 -9.65 -7.87
C ALA A 80 -6.34 -11.10 -7.95
N TYR A 81 -7.11 -11.51 -6.96
CA TYR A 81 -7.37 -12.91 -6.76
C TYR A 81 -8.86 -13.12 -6.63
N ARG A 82 -9.37 -14.16 -7.29
CA ARG A 82 -10.79 -14.48 -7.19
C ARG A 82 -11.10 -14.99 -5.79
N VAL A 83 -12.12 -14.43 -5.20
CA VAL A 83 -12.54 -14.80 -3.86
C VAL A 83 -13.29 -16.14 -3.92
N LEU A 84 -13.14 -16.90 -2.85
CA LEU A 84 -13.78 -18.20 -2.67
C LEU A 84 -14.41 -18.26 -1.31
N ALA A 85 -15.57 -18.90 -1.24
CA ALA A 85 -16.22 -19.12 0.04
C ALA A 85 -15.40 -20.09 0.87
N GLU A 86 -15.25 -19.75 2.13
CA GLU A 86 -14.65 -20.65 3.07
C GLU A 86 -15.50 -21.92 3.18
N PRO A 87 -14.91 -23.10 3.09
CA PRO A 87 -15.70 -24.32 3.27
C PRO A 87 -16.35 -24.34 4.64
N PRO A 88 -17.58 -24.83 4.76
CA PRO A 88 -18.23 -24.89 6.07
C PRO A 88 -17.56 -25.89 6.99
N SER A 89 -17.60 -25.60 8.27
CA SER A 89 -17.11 -26.55 9.24
C SER A 89 -18.17 -27.57 9.55
N LEU A 90 -17.71 -28.72 10.01
CA LEU A 90 -18.62 -29.83 10.31
C LEU A 90 -19.50 -29.49 11.50
N HIS A 91 -18.94 -28.83 12.50
CA HIS A 91 -19.66 -28.46 13.71
C HIS A 91 -19.70 -26.94 13.83
N ARG A 102 -17.35 -12.80 9.17
CA ARG A 102 -17.28 -13.83 8.15
C ARG A 102 -15.90 -13.79 7.47
N ALA A 103 -15.42 -14.94 7.00
CA ALA A 103 -14.12 -15.06 6.38
C ALA A 103 -14.25 -15.37 4.89
N TRP A 104 -13.11 -15.38 4.22
CA TRP A 104 -13.06 -15.69 2.80
C TRP A 104 -11.67 -16.23 2.49
N ARG A 105 -11.58 -16.90 1.36
CA ARG A 105 -10.30 -17.35 0.85
C ARG A 105 -10.24 -16.89 -0.58
N CYS A 106 -9.14 -17.20 -1.26
CA CYS A 106 -9.06 -16.80 -2.65
C CYS A 106 -8.23 -17.81 -3.42
N SER A 107 -8.23 -17.66 -4.74
CA SER A 107 -7.49 -18.57 -5.59
C SER A 107 -6.01 -18.29 -5.44
N THR A 108 -5.22 -19.25 -5.88
CA THR A 108 -3.77 -19.11 -5.81
C THR A 108 -3.23 -18.43 -7.04
N GLU A 109 -3.82 -18.66 -8.18
CA GLU A 109 -3.36 -18.00 -9.36
C GLU A 109 -3.96 -16.60 -9.41
N PRO A 110 -3.14 -15.55 -9.63
CA PRO A 110 -3.67 -14.20 -9.70
C PRO A 110 -4.16 -13.89 -11.10
N GLU A 111 -4.98 -12.85 -11.17
CA GLU A 111 -5.48 -12.35 -12.42
C GLU A 111 -5.12 -10.89 -12.57
N PRO A 112 -5.01 -10.41 -13.80
CA PRO A 112 -4.67 -9.00 -14.02
C PRO A 112 -5.83 -8.11 -13.65
N ALA A 113 -5.51 -6.97 -13.06
CA ALA A 113 -6.51 -6.00 -12.67
C ALA A 113 -5.88 -4.62 -12.70
N ILE A 114 -6.71 -3.59 -12.68
CA ILE A 114 -6.29 -2.21 -12.86
C ILE A 114 -6.59 -1.38 -11.62
N CYS A 115 -7.83 -1.46 -11.16
CA CYS A 115 -8.36 -0.58 -10.10
C CYS A 115 -8.69 -1.39 -8.85
N GLY A 116 -8.07 -1.00 -7.75
CA GLY A 116 -8.32 -1.59 -6.47
C GLY A 116 -9.09 -0.58 -5.64
N ILE A 117 -10.23 -1.03 -5.11
CA ILE A 117 -11.07 -0.21 -4.27
C ILE A 117 -10.65 -0.41 -2.83
N SER A 118 -9.97 0.58 -2.30
CA SER A 118 -9.25 0.48 -1.04
C SER A 118 -10.19 0.68 0.13
N ARG A 119 -11.11 1.61 -0.02
CA ARG A 119 -12.16 1.89 0.97
C ARG A 119 -13.43 2.25 0.22
N ILE A 120 -14.57 1.75 0.69
CA ILE A 120 -15.87 2.18 0.15
C ILE A 120 -16.87 2.24 1.29
N TRP A 121 -17.57 3.35 1.39
CA TRP A 121 -18.42 3.65 2.53
C TRP A 121 -19.59 4.51 2.12
N VAL A 122 -20.74 4.24 2.72
CA VAL A 122 -21.95 5.05 2.52
C VAL A 122 -22.58 5.28 3.87
N PHE A 123 -22.92 6.53 4.17
CA PHE A 123 -23.63 6.85 5.38
C PHE A 123 -24.78 5.89 5.61
N ALA A 124 -24.85 5.39 6.83
CA ALA A 124 -25.69 4.23 7.12
C ALA A 124 -27.17 4.49 6.81
N LEU A 125 -27.67 5.67 7.13
CA LEU A 125 -29.07 5.99 6.88
C LEU A 125 -29.35 6.18 5.41
N MET A 126 -28.33 6.14 4.55
CA MET A 126 -28.55 6.29 3.12
C MET A 126 -28.11 5.07 2.36
N ARG A 127 -27.96 3.95 3.04
CA ARG A 127 -27.59 2.73 2.34
C ARG A 127 -28.79 2.16 1.58
N ARG A 128 -28.46 1.26 0.65
CA ARG A 128 -29.42 0.61 -0.25
C ARG A 128 -30.14 1.61 -1.15
N LYS A 129 -29.42 2.64 -1.60
CA LYS A 129 -29.90 3.62 -2.55
C LYS A 129 -29.02 3.72 -3.77
N ALA A 130 -28.29 2.66 -4.06
CA ALA A 130 -27.40 2.61 -5.21
C ALA A 130 -26.26 3.64 -5.17
N ILE A 131 -25.98 4.26 -4.02
CA ILE A 131 -24.84 5.19 -3.98
C ILE A 131 -23.54 4.45 -4.25
N ALA A 132 -23.32 3.34 -3.56
CA ALA A 132 -22.06 2.65 -3.78
C ALA A 132 -21.95 2.20 -5.22
N SER A 133 -23.04 1.66 -5.77
CA SER A 133 -23.02 1.25 -7.15
C SER A 133 -22.67 2.41 -8.08
N ARG A 134 -23.17 3.61 -7.80
CA ARG A 134 -22.84 4.69 -8.70
C ARG A 134 -21.41 5.15 -8.50
N MET A 135 -20.90 5.05 -7.28
CA MET A 135 -19.49 5.42 -7.08
C MET A 135 -18.56 4.49 -7.84
N VAL A 136 -18.80 3.20 -7.79
CA VAL A 136 -17.96 2.30 -8.59
C VAL A 136 -18.14 2.59 -10.07
N ASP A 137 -19.37 2.91 -10.51
CA ASP A 137 -19.58 3.25 -11.92
C ASP A 137 -18.72 4.44 -12.30
N ALA A 138 -18.72 5.47 -11.45
CA ALA A 138 -17.93 6.66 -11.69
C ALA A 138 -16.46 6.31 -11.79
N VAL A 139 -15.99 5.44 -10.89
CA VAL A 139 -14.61 4.97 -10.95
C VAL A 139 -14.34 4.28 -12.28
N ARG A 140 -15.24 3.37 -12.70
CA ARG A 140 -14.93 2.59 -13.89
C ARG A 140 -14.84 3.47 -15.11
N SER A 141 -15.48 4.62 -15.09
CA SER A 141 -15.48 5.53 -16.22
C SER A 141 -14.40 6.59 -16.15
N SER A 142 -13.72 6.76 -15.02
CA SER A 142 -12.89 7.95 -14.84
C SER A 142 -11.50 7.64 -14.32
N PHE A 143 -11.28 6.43 -13.81
CA PHE A 143 -10.00 6.09 -13.21
C PHE A 143 -8.87 6.12 -14.23
N MET A 144 -9.12 5.61 -15.44
CA MET A 144 -8.12 5.49 -16.50
C MET A 144 -8.58 6.28 -17.73
N TYR A 145 -7.71 7.15 -18.20
CA TYR A 145 -8.05 8.07 -19.29
C TYR A 145 -8.55 7.32 -20.53
N GLY A 146 -9.68 7.74 -21.06
CA GLY A 146 -10.17 7.20 -22.32
C GLY A 146 -10.46 5.71 -22.29
N SER A 147 -10.90 5.21 -21.14
CA SER A 147 -11.26 3.82 -21.01
C SER A 147 -12.33 3.71 -19.93
N VAL A 148 -13.19 2.72 -20.12
CA VAL A 148 -14.17 2.33 -19.12
C VAL A 148 -13.77 0.94 -18.66
N LEU A 149 -13.36 0.84 -17.40
CA LEU A 149 -13.01 -0.46 -16.85
C LEU A 149 -14.23 -1.37 -16.79
N THR A 150 -14.00 -2.66 -17.00
CA THR A 150 -15.01 -3.69 -16.79
C THR A 150 -15.06 -4.12 -15.33
N THR A 151 -16.06 -4.89 -14.98
CA THR A 151 -16.11 -5.41 -13.62
C THR A 151 -15.01 -6.43 -13.36
N GLU A 152 -14.39 -6.96 -14.40
CA GLU A 152 -13.32 -7.92 -14.16
C GLU A 152 -11.99 -7.24 -13.94
N GLU A 153 -11.92 -5.92 -14.05
CA GLU A 153 -10.70 -5.15 -13.92
C GLU A 153 -10.63 -4.32 -12.64
N ILE A 154 -11.63 -4.43 -11.77
CA ILE A 154 -11.60 -3.84 -10.44
C ILE A 154 -11.53 -4.97 -9.41
N ALA A 155 -10.92 -4.66 -8.27
CA ALA A 155 -10.87 -5.58 -7.14
C ALA A 155 -11.11 -4.80 -5.86
N PHE A 156 -11.45 -5.51 -4.79
CA PHE A 156 -11.71 -4.91 -3.49
C PHE A 156 -10.72 -5.42 -2.47
N SER A 157 -10.19 -4.53 -1.65
CA SER A 157 -9.29 -4.99 -0.62
C SER A 157 -10.09 -5.64 0.51
N ASP A 158 -9.58 -6.79 0.97
CA ASP A 158 -9.96 -7.49 2.20
C ASP A 158 -11.39 -7.19 2.63
N PRO A 159 -12.37 -7.63 1.85
CA PRO A 159 -13.74 -7.12 2.04
C PRO A 159 -14.33 -7.51 3.38
N THR A 160 -15.08 -6.55 3.94
CA THR A 160 -16.00 -6.76 5.05
C THR A 160 -17.23 -7.53 4.57
N PRO A 161 -18.04 -8.01 5.49
CA PRO A 161 -19.28 -8.71 5.09
C PRO A 161 -20.18 -7.87 4.20
N ASP A 162 -20.40 -6.61 4.57
CA ASP A 162 -21.12 -5.66 3.70
C ASP A 162 -20.45 -5.54 2.32
N GLY A 163 -19.13 -5.44 2.29
CA GLY A 163 -18.43 -5.36 1.02
C GLY A 163 -18.65 -6.56 0.12
N LYS A 164 -18.64 -7.77 0.70
CA LYS A 164 -18.87 -8.98 -0.08
C LYS A 164 -20.24 -8.96 -0.72
N LEU A 165 -21.27 -8.73 0.09
CA LEU A 165 -22.63 -8.70 -0.44
C LEU A 165 -22.76 -7.67 -1.56
N PHE A 166 -22.22 -6.47 -1.36
CA PHE A 166 -22.24 -5.46 -2.40
C PHE A 166 -21.50 -5.93 -3.65
N ALA A 167 -20.20 -6.27 -3.51
CA ALA A 167 -19.36 -6.65 -4.66
C ALA A 167 -19.94 -7.84 -5.42
N SER A 168 -20.45 -8.83 -4.70
CA SER A 168 -20.96 -9.97 -5.46
C SER A 168 -22.17 -9.58 -6.29
N THR A 169 -22.99 -8.65 -5.81
CA THR A 169 -24.09 -8.17 -6.63
C THR A 169 -23.61 -7.25 -7.73
N TYR A 170 -22.76 -6.29 -7.37
CA TYR A 170 -22.32 -5.30 -8.35
C TYR A 170 -21.59 -5.98 -9.49
N CYS A 171 -20.64 -6.88 -9.17
CA CYS A 171 -19.90 -7.61 -10.19
C CYS A 171 -20.68 -8.76 -10.80
N LYS A 172 -21.83 -9.14 -10.23
CA LYS A 172 -22.71 -10.18 -10.79
C LYS A 172 -22.07 -11.57 -10.74
N VAL A 173 -21.13 -11.79 -9.84
CA VAL A 173 -20.50 -13.09 -9.65
C VAL A 173 -20.16 -13.29 -8.19
N PRO A 174 -20.14 -14.55 -7.70
CA PRO A 174 -19.67 -14.79 -6.33
C PRO A 174 -18.16 -14.65 -6.22
N ASP A 175 -17.44 -14.88 -7.31
CA ASP A 175 -15.99 -14.91 -7.27
C ASP A 175 -15.40 -13.64 -7.87
N PHE A 176 -15.73 -12.52 -7.22
CA PHE A 176 -15.21 -11.21 -7.64
C PHE A 176 -13.76 -11.10 -7.16
N LEU A 177 -13.05 -10.09 -7.68
CA LEU A 177 -11.60 -9.98 -7.41
C LEU A 177 -11.32 -9.25 -6.09
N VAL A 178 -10.31 -9.74 -5.40
CA VAL A 178 -9.88 -9.25 -4.11
C VAL A 178 -8.38 -9.08 -4.11
N TYR A 179 -7.92 -8.16 -3.26
CA TYR A 179 -6.50 -7.90 -3.13
C TYR A 179 -6.23 -7.41 -1.72
N ASN A 180 -4.95 -7.10 -1.48
CA ASN A 180 -4.46 -6.48 -0.25
C ASN A 180 -4.46 -7.41 0.93
N PHE A 181 -3.61 -8.43 0.84
CA PHE A 181 -3.49 -9.51 1.81
C PHE A 181 -2.10 -10.11 1.67
N VAL A 182 -1.72 -10.91 2.65
CA VAL A 182 -0.41 -11.53 2.69
C VAL A 182 -0.56 -13.03 2.92
N SER A 183 0.00 -13.84 2.02
CA SER A 183 -0.12 -15.30 2.05
C SER A 183 -1.51 -15.78 2.35
N GLU B 6 21.87 0.72 -17.20
CA GLU B 6 22.13 0.72 -15.76
C GLU B 6 22.24 2.13 -15.23
N ARG B 7 21.48 2.41 -14.17
CA ARG B 7 21.51 3.70 -13.47
C ARG B 7 22.31 3.48 -12.18
N VAL B 8 23.60 3.82 -12.20
CA VAL B 8 24.46 3.52 -11.06
C VAL B 8 24.42 4.69 -10.09
N ILE B 9 24.03 4.41 -8.85
CA ILE B 9 23.98 5.44 -7.81
C ILE B 9 25.35 5.65 -7.17
N THR B 10 26.02 4.57 -6.80
CA THR B 10 27.29 4.66 -6.12
C THR B 10 28.06 3.39 -6.44
N GLU B 11 29.39 3.49 -6.48
CA GLU B 11 30.29 2.39 -6.86
C GLU B 11 31.29 2.13 -5.74
N PHE B 12 31.68 0.86 -5.55
CA PHE B 12 32.53 0.50 -4.43
C PHE B 12 33.55 -0.54 -4.87
N TRP B 13 34.46 -0.89 -3.97
CA TRP B 13 35.46 -1.90 -4.30
C TRP B 13 34.85 -3.29 -4.37
N ASP B 14 33.74 -3.53 -3.68
CA ASP B 14 33.16 -4.87 -3.65
C ASP B 14 31.82 -4.94 -4.41
N GLY B 15 31.50 -3.92 -5.17
CA GLY B 15 30.31 -3.96 -5.98
C GLY B 15 29.82 -2.55 -6.23
N LYS B 16 28.55 -2.45 -6.70
CA LYS B 16 27.89 -1.19 -7.03
C LYS B 16 26.40 -1.26 -6.71
N ILE B 17 25.83 -0.08 -6.48
CA ILE B 17 24.41 0.06 -6.20
C ILE B 17 23.73 0.68 -7.42
N ILE B 18 22.72 0.00 -7.93
CA ILE B 18 21.93 0.52 -9.03
C ILE B 18 20.49 0.73 -8.57
N MET B 19 19.77 1.54 -9.34
CA MET B 19 18.40 1.88 -9.04
C MET B 19 17.56 1.66 -10.28
N VAL B 20 16.41 1.06 -10.08
CA VAL B 20 15.41 0.89 -11.13
C VAL B 20 14.20 1.73 -10.77
N SER B 21 13.79 2.59 -11.69
CA SER B 21 12.62 3.44 -11.57
C SER B 21 11.43 2.86 -12.31
N PRO B 22 10.22 3.26 -11.93
CA PRO B 22 9.01 2.67 -12.55
C PRO B 22 8.90 2.89 -14.05
N ASP B 23 9.57 3.91 -14.61
CA ASP B 23 9.55 4.12 -16.07
C ASP B 23 10.90 3.77 -16.71
N ASP B 24 11.44 2.62 -16.34
CA ASP B 24 12.60 2.01 -16.99
C ASP B 24 12.17 0.98 -18.00
N PRO B 25 13.09 0.55 -18.87
CA PRO B 25 12.76 -0.48 -19.84
C PRO B 25 12.19 -1.74 -19.18
N LYS B 26 11.42 -2.50 -19.96
CA LYS B 26 10.79 -3.70 -19.44
C LYS B 26 11.81 -4.67 -18.86
N TYR B 27 12.99 -4.76 -19.47
CA TYR B 27 13.98 -5.71 -18.99
C TYR B 27 14.43 -5.36 -17.58
N ALA B 28 14.45 -4.07 -17.24
CA ALA B 28 14.84 -3.68 -15.89
C ALA B 28 13.75 -3.99 -14.88
N LEU B 29 12.49 -3.75 -15.25
CA LEU B 29 11.38 -3.92 -14.30
C LEU B 29 11.08 -5.39 -14.02
N LYS B 30 11.38 -6.31 -14.94
CA LYS B 30 11.20 -7.74 -14.68
C LYS B 30 12.28 -8.26 -13.72
N LYS B 31 13.53 -7.83 -13.91
CA LYS B 31 14.58 -8.19 -12.97
C LYS B 31 14.21 -7.72 -11.57
N ALA B 32 13.76 -6.47 -11.45
CA ALA B 32 13.29 -5.98 -10.14
C ALA B 32 12.22 -6.89 -9.57
N GLU B 33 11.25 -7.29 -10.40
CA GLU B 33 10.20 -8.18 -9.94
C GLU B 33 10.77 -9.53 -9.53
N GLU B 34 11.64 -10.11 -10.38
CA GLU B 34 12.29 -11.38 -10.00
C GLU B 34 12.92 -11.26 -8.63
N VAL B 35 13.57 -10.13 -8.35
CA VAL B 35 14.28 -9.97 -7.08
C VAL B 35 13.29 -9.82 -5.95
N ARG B 36 12.23 -9.04 -6.18
CA ARG B 36 11.14 -8.98 -5.22
C ARG B 36 10.59 -10.38 -4.93
N GLU B 37 10.40 -11.19 -5.97
CA GLU B 37 9.90 -12.55 -5.71
C GLU B 37 10.82 -13.28 -4.74
N LEU B 38 12.14 -13.25 -4.99
CA LEU B 38 13.10 -13.96 -4.14
C LEU B 38 13.07 -13.47 -2.70
N VAL B 39 13.07 -12.15 -2.52
CA VAL B 39 13.02 -11.61 -1.17
C VAL B 39 11.75 -12.05 -0.45
N ASP B 40 10.60 -11.81 -1.09
CA ASP B 40 9.32 -12.22 -0.48
C ASP B 40 9.35 -13.71 -0.18
N SER B 41 9.87 -14.51 -1.12
CA SER B 41 9.97 -15.95 -0.87
C SER B 41 10.91 -16.24 0.29
N GLU B 42 12.09 -15.61 0.29
CA GLU B 42 13.04 -15.78 1.38
C GLU B 42 12.41 -15.45 2.72
N LEU B 43 11.59 -14.38 2.78
CA LEU B 43 10.90 -14.00 4.01
C LEU B 43 9.75 -14.95 4.40
N GLY B 44 9.38 -15.91 3.54
CA GLY B 44 8.38 -16.89 3.93
C GLY B 44 6.95 -16.51 3.59
N PHE B 45 6.75 -15.89 2.44
CA PHE B 45 5.43 -15.59 1.90
C PHE B 45 5.13 -16.51 0.71
N GLN B 46 3.89 -17.03 0.67
CA GLN B 46 3.43 -17.74 -0.52
C GLN B 46 2.77 -16.78 -1.53
N GLN B 47 2.02 -15.80 -1.05
CA GLN B 47 1.28 -14.88 -1.92
C GLN B 47 1.39 -13.47 -1.39
N VAL B 48 1.52 -12.51 -2.30
CA VAL B 48 1.63 -11.10 -1.96
C VAL B 48 0.78 -10.32 -2.94
N SER B 49 -0.29 -9.73 -2.43
CA SER B 49 -1.20 -8.91 -3.22
C SER B 49 -1.21 -7.52 -2.62
N LEU B 50 -0.58 -6.56 -3.31
CA LEU B 50 -0.48 -5.20 -2.81
C LEU B 50 -0.82 -4.25 -3.94
N ARG B 51 -0.76 -2.95 -3.64
CA ARG B 51 -0.97 -1.94 -4.66
C ARG B 51 0.08 -2.04 -5.76
N CYS B 52 -0.16 -1.25 -6.80
CA CYS B 52 0.68 -1.27 -7.98
C CYS B 52 2.13 -0.94 -7.63
N PRO B 53 3.11 -1.75 -8.06
CA PRO B 53 4.52 -1.42 -7.80
C PRO B 53 4.95 -0.04 -8.31
N SER B 54 4.07 0.70 -8.97
CA SER B 54 4.41 2.06 -9.36
C SER B 54 4.67 2.89 -8.11
N GLN B 55 5.31 4.02 -8.33
CA GLN B 55 5.71 4.89 -7.22
C GLN B 55 7.01 4.39 -6.58
N THR B 56 7.17 3.07 -6.40
CA THR B 56 8.33 2.55 -5.67
C THR B 56 9.61 2.73 -6.49
N ARG B 57 10.75 2.62 -5.80
CA ARG B 57 12.06 2.50 -6.44
C ARG B 57 12.79 1.28 -5.89
N THR B 58 13.44 0.53 -6.77
CA THR B 58 14.14 -0.68 -6.37
C THR B 58 15.65 -0.48 -6.47
N TYR B 59 16.33 -0.50 -5.33
CA TYR B 59 17.78 -0.44 -5.25
C TYR B 59 18.37 -1.85 -5.13
N MET B 60 19.41 -2.15 -5.92
CA MET B 60 20.05 -3.45 -5.89
C MET B 60 21.55 -3.28 -5.75
N PHE B 61 22.15 -4.06 -4.87
CA PHE B 61 23.59 -4.12 -4.71
C PHE B 61 24.14 -5.27 -5.53
N VAL B 62 24.99 -4.93 -6.48
CA VAL B 62 25.54 -5.88 -7.43
C VAL B 62 27.00 -6.13 -7.09
N SER B 63 27.33 -7.38 -6.85
CA SER B 63 28.70 -7.76 -6.56
C SER B 63 29.55 -7.69 -7.84
N ASN B 64 30.86 -7.78 -7.67
CA ASN B 64 31.78 -7.73 -8.81
C ASN B 64 31.58 -8.88 -9.79
N GLU B 65 30.95 -9.96 -9.36
CA GLU B 65 30.60 -11.09 -10.22
C GLU B 65 29.19 -10.96 -10.81
N LYS B 66 28.62 -9.75 -10.82
CA LYS B 66 27.37 -9.47 -11.51
C LYS B 66 26.17 -10.19 -10.90
N LYS B 67 26.22 -10.51 -9.62
CA LYS B 67 25.09 -11.10 -8.91
C LYS B 67 24.47 -10.07 -7.97
N ILE B 68 23.15 -10.09 -7.92
CA ILE B 68 22.36 -9.19 -7.08
C ILE B 68 22.34 -9.78 -5.69
N VAL B 69 23.10 -9.17 -4.76
CA VAL B 69 23.24 -9.70 -3.41
C VAL B 69 22.56 -8.82 -2.39
N GLY B 70 22.05 -7.68 -2.80
CA GLY B 70 21.29 -6.83 -1.91
C GLY B 70 20.16 -6.17 -2.66
N CYS B 71 19.08 -5.97 -1.93
CA CYS B 71 17.90 -5.38 -2.52
C CYS B 71 17.19 -4.58 -1.46
N LEU B 72 16.77 -3.39 -1.86
CA LEU B 72 16.01 -2.48 -1.03
C LEU B 72 14.91 -1.84 -1.88
N ILE B 73 13.66 -1.99 -1.44
CA ILE B 73 12.48 -1.41 -2.12
C ILE B 73 12.00 -0.24 -1.29
N ALA B 74 12.03 0.94 -1.88
CA ALA B 74 11.61 2.18 -1.23
C ALA B 74 10.28 2.70 -1.79
N GLU B 75 9.47 3.29 -0.93
CA GLU B 75 8.23 3.91 -1.37
C GLU B 75 7.94 5.17 -0.57
N PRO B 76 7.24 6.12 -1.17
CA PRO B 76 6.94 7.36 -0.45
C PRO B 76 5.87 7.17 0.60
N ILE B 77 6.07 7.89 1.71
CA ILE B 77 5.19 7.89 2.87
C ILE B 77 5.09 9.33 3.33
N ARG B 78 4.14 9.57 4.23
CA ARG B 78 3.85 10.86 4.85
C ARG B 78 4.16 10.92 6.33
N GLU B 79 3.92 9.83 7.05
CA GLU B 79 4.05 9.79 8.50
C GLU B 79 4.52 8.40 8.89
N ALA B 80 4.98 8.28 10.13
CA ALA B 80 5.45 7.02 10.65
C ALA B 80 5.47 7.13 12.17
N TYR B 81 5.74 6.00 12.84
CA TYR B 81 5.57 5.88 14.28
C TYR B 81 6.84 5.37 14.95
N ARG B 82 7.17 5.96 16.11
CA ARG B 82 8.35 5.55 16.86
C ARG B 82 8.14 4.14 17.42
N VAL B 83 9.10 3.26 17.21
CA VAL B 83 8.97 1.89 17.70
C VAL B 83 9.20 1.87 19.21
N LEU B 84 8.52 0.95 19.89
CA LEU B 84 8.66 0.75 21.33
C LEU B 84 8.84 -0.71 21.61
N ALA B 85 9.67 -1.00 22.59
CA ALA B 85 9.82 -2.36 23.06
C ALA B 85 8.56 -2.81 23.78
N GLU B 86 8.14 -4.03 23.48
CA GLU B 86 7.07 -4.66 24.20
C GLU B 86 7.49 -4.87 25.65
N PRO B 87 6.68 -4.47 26.62
CA PRO B 87 7.06 -4.75 28.01
C PRO B 87 7.29 -6.23 28.22
N PRO B 88 8.25 -6.61 29.05
CA PRO B 88 8.47 -8.03 29.30
C PRO B 88 7.29 -8.66 30.00
N SER B 89 7.08 -9.94 29.73
CA SER B 89 6.08 -10.70 30.46
C SER B 89 6.67 -11.18 31.76
N LEU B 90 5.80 -11.40 32.74
CA LEU B 90 6.27 -11.77 34.08
C LEU B 90 6.87 -13.18 34.09
N HIS B 91 6.23 -14.11 33.38
CA HIS B 91 6.71 -15.49 33.27
C HIS B 91 7.08 -15.81 31.82
N TRP B 104 6.87 -6.00 18.66
CA TRP B 104 7.09 -4.59 18.95
C TRP B 104 5.77 -3.79 19.00
N ARG B 105 5.85 -2.58 19.56
CA ARG B 105 4.75 -1.65 19.67
C ARG B 105 5.19 -0.32 19.08
N CYS B 106 4.34 0.69 19.16
CA CYS B 106 4.78 1.99 18.68
C CYS B 106 4.02 3.10 19.40
N SER B 107 4.45 4.33 19.16
CA SER B 107 3.79 5.46 19.75
C SER B 107 2.45 5.66 19.07
N THR B 108 1.57 6.42 19.73
CA THR B 108 0.26 6.68 19.16
C THR B 108 0.27 7.92 18.28
N GLU B 109 1.00 8.93 18.68
CA GLU B 109 1.11 10.12 17.86
C GLU B 109 2.11 9.85 16.74
N PRO B 110 1.79 10.21 15.50
CA PRO B 110 2.71 9.99 14.39
C PRO B 110 3.69 11.14 14.24
N GLU B 111 4.74 10.87 13.49
CA GLU B 111 5.71 11.87 13.10
C GLU B 111 5.84 11.86 11.59
N PRO B 112 6.20 12.99 11.01
CA PRO B 112 6.30 13.08 9.55
C PRO B 112 7.51 12.32 9.01
N ALA B 113 7.34 11.73 7.83
CA ALA B 113 8.41 11.01 7.18
C ALA B 113 8.20 11.08 5.68
N ILE B 114 9.25 10.72 4.94
CA ILE B 114 9.32 10.86 3.49
C ILE B 114 9.47 9.51 2.81
N CYS B 115 10.39 8.69 3.31
CA CYS B 115 10.75 7.44 2.66
C CYS B 115 10.41 6.24 3.53
N GLY B 116 9.68 5.29 2.97
CA GLY B 116 9.40 4.03 3.62
C GLY B 116 10.18 2.94 2.94
N ILE B 117 10.94 2.19 3.75
CA ILE B 117 11.72 1.07 3.26
C ILE B 117 10.81 -0.15 3.37
N SER B 118 10.29 -0.59 2.23
CA SER B 118 9.24 -1.62 2.21
C SER B 118 9.83 -3.00 2.35
N ARG B 119 10.95 -3.25 1.70
CA ARG B 119 11.67 -4.51 1.79
C ARG B 119 13.16 -4.22 1.78
N ILE B 120 13.95 -4.98 2.56
CA ILE B 120 15.40 -4.91 2.45
C ILE B 120 16.01 -6.29 2.73
N TRP B 121 16.90 -6.69 1.84
CA TRP B 121 17.45 -8.03 1.89
C TRP B 121 18.91 -8.05 1.45
N VAL B 122 19.67 -8.93 2.09
CA VAL B 122 21.06 -9.19 1.72
C VAL B 122 21.27 -10.70 1.71
N PHE B 123 21.86 -11.20 0.63
CA PHE B 123 22.24 -12.60 0.56
C PHE B 123 22.95 -13.00 1.85
N ALA B 124 22.52 -14.14 2.39
CA ALA B 124 22.87 -14.51 3.76
C ALA B 124 24.38 -14.64 3.97
N LEU B 125 25.10 -15.18 2.98
CA LEU B 125 26.54 -15.34 3.18
C LEU B 125 27.28 -14.01 3.12
N MET B 126 26.58 -12.92 2.78
CA MET B 126 27.27 -11.64 2.67
C MET B 126 26.78 -10.61 3.66
N ARG B 127 26.15 -11.06 4.75
CA ARG B 127 25.65 -10.13 5.75
C ARG B 127 26.79 -9.61 6.64
N ARG B 128 26.50 -8.56 7.39
CA ARG B 128 27.48 -7.93 8.26
C ARG B 128 28.69 -7.44 7.46
N LYS B 129 28.43 -6.99 6.24
CA LYS B 129 29.42 -6.34 5.39
C LYS B 129 28.98 -4.99 4.91
N ALA B 130 28.07 -4.34 5.63
CA ALA B 130 27.60 -2.99 5.34
C ALA B 130 26.81 -2.89 4.03
N ILE B 131 26.35 -3.99 3.43
CA ILE B 131 25.53 -3.87 2.23
C ILE B 131 24.19 -3.18 2.54
N ALA B 132 23.50 -3.62 3.58
CA ALA B 132 22.25 -2.95 3.90
C ALA B 132 22.51 -1.46 4.18
N SER B 133 23.54 -1.17 4.98
CA SER B 133 23.83 0.22 5.33
C SER B 133 24.08 1.08 4.10
N ARG B 134 24.82 0.56 3.12
CA ARG B 134 25.10 1.38 1.95
C ARG B 134 23.87 1.53 1.08
N MET B 135 22.99 0.55 1.04
CA MET B 135 21.76 0.74 0.26
C MET B 135 20.89 1.84 0.87
N VAL B 136 20.75 1.82 2.20
CA VAL B 136 19.98 2.87 2.84
C VAL B 136 20.64 4.22 2.60
N ASP B 137 21.96 4.29 2.64
CA ASP B 137 22.63 5.54 2.29
C ASP B 137 22.26 5.97 0.86
N ALA B 138 22.30 5.02 -0.07
CA ALA B 138 21.98 5.35 -1.45
C ALA B 138 20.57 5.92 -1.55
N VAL B 139 19.63 5.34 -0.78
CA VAL B 139 18.27 5.87 -0.77
C VAL B 139 18.25 7.31 -0.29
N ARG B 140 18.90 7.59 0.86
CA ARG B 140 18.78 8.94 1.40
C ARG B 140 19.35 9.98 0.44
N SER B 141 20.19 9.57 -0.49
CA SER B 141 20.84 10.50 -1.42
C SER B 141 20.13 10.61 -2.76
N SER B 142 19.17 9.73 -3.06
CA SER B 142 18.58 9.66 -4.40
C SER B 142 17.05 9.66 -4.43
N PHE B 143 16.39 9.37 -3.32
CA PHE B 143 14.94 9.17 -3.34
C PHE B 143 14.20 10.44 -3.70
N MET B 144 14.64 11.58 -3.18
CA MET B 144 14.02 12.89 -3.31
C MET B 144 15.00 13.87 -3.97
N TYR B 145 14.56 14.49 -5.07
CA TYR B 145 15.42 15.38 -5.87
C TYR B 145 16.10 16.48 -5.08
N GLY B 146 17.42 16.59 -5.26
CA GLY B 146 18.14 17.73 -4.70
C GLY B 146 17.99 17.88 -3.20
N SER B 147 17.88 16.76 -2.50
CA SER B 147 17.81 16.74 -1.06
C SER B 147 18.42 15.43 -0.58
N VAL B 148 19.00 15.43 0.60
CA VAL B 148 19.46 14.21 1.24
C VAL B 148 18.62 14.02 2.49
N LEU B 149 17.85 12.93 2.51
CA LEU B 149 17.02 12.61 3.65
C LEU B 149 17.91 12.32 4.86
N THR B 150 17.45 12.73 6.02
CA THR B 150 18.08 12.31 7.28
C THR B 150 17.51 10.97 7.72
N THR B 151 18.15 10.41 8.74
CA THR B 151 17.69 9.15 9.32
C THR B 151 16.34 9.26 10.02
N GLU B 152 15.91 10.47 10.36
CA GLU B 152 14.61 10.64 10.98
C GLU B 152 13.50 10.79 9.96
N GLU B 153 13.83 10.78 8.67
CA GLU B 153 12.85 10.92 7.61
C GLU B 153 12.62 9.62 6.85
N ILE B 154 13.21 8.53 7.28
CA ILE B 154 12.97 7.19 6.75
C ILE B 154 12.28 6.36 7.81
N ALA B 155 11.50 5.38 7.37
CA ALA B 155 10.90 4.44 8.29
C ALA B 155 10.93 3.06 7.69
N PHE B 156 10.73 2.06 8.55
CA PHE B 156 10.72 0.66 8.14
C PHE B 156 9.36 0.03 8.32
N SER B 157 8.93 -0.72 7.33
CA SER B 157 7.65 -1.39 7.45
C SER B 157 7.83 -2.61 8.35
N ASP B 158 6.88 -2.79 9.26
CA ASP B 158 6.69 -4.00 10.08
C ASP B 158 7.96 -4.84 10.23
N PRO B 159 8.99 -4.35 10.95
CA PRO B 159 10.31 -4.99 10.87
C PRO B 159 10.33 -6.40 11.41
N THR B 160 11.16 -7.22 10.76
CA THR B 160 11.64 -8.49 11.30
C THR B 160 12.67 -8.25 12.39
N PRO B 161 13.05 -9.31 13.09
CA PRO B 161 14.13 -9.17 14.10
C PRO B 161 15.43 -8.64 13.51
N ASP B 162 15.87 -9.20 12.37
CA ASP B 162 17.04 -8.67 11.68
C ASP B 162 16.87 -7.19 11.35
N GLY B 163 15.67 -6.82 10.88
CA GLY B 163 15.43 -5.41 10.58
C GLY B 163 15.59 -4.52 11.79
N LYS B 164 15.09 -4.95 12.96
CA LYS B 164 15.19 -4.14 14.16
C LYS B 164 16.64 -3.89 14.53
N LEU B 165 17.41 -4.96 14.65
CA LEU B 165 18.82 -4.83 15.01
C LEU B 165 19.54 -3.92 14.02
N PHE B 166 19.30 -4.12 12.74
CA PHE B 166 19.89 -3.27 11.72
C PHE B 166 19.45 -1.81 11.89
N ALA B 167 18.14 -1.58 11.88
CA ALA B 167 17.61 -0.21 11.88
C ALA B 167 18.04 0.57 13.12
N SER B 168 17.96 -0.05 14.30
CA SER B 168 18.37 0.68 15.50
C SER B 168 19.84 1.05 15.45
N THR B 169 20.69 0.22 14.82
CA THR B 169 22.07 0.62 14.65
C THR B 169 22.19 1.70 13.58
N TYR B 170 21.57 1.50 12.43
CA TYR B 170 21.75 2.46 11.36
C TYR B 170 21.25 3.83 11.78
N CYS B 171 20.01 3.90 12.33
CA CYS B 171 19.50 5.18 12.81
C CYS B 171 20.08 5.62 14.15
N LYS B 172 20.82 4.77 14.86
CA LYS B 172 21.49 5.17 16.10
C LYS B 172 20.51 5.48 17.23
N VAL B 173 19.29 4.92 17.16
CA VAL B 173 18.32 5.06 18.23
C VAL B 173 17.52 3.77 18.30
N PRO B 174 17.06 3.37 19.49
CA PRO B 174 16.19 2.21 19.58
C PRO B 174 14.79 2.51 19.05
N ASP B 175 14.40 3.80 19.01
CA ASP B 175 13.05 4.22 18.63
C ASP B 175 13.02 4.84 17.24
N PHE B 176 13.42 4.05 16.25
CA PHE B 176 13.41 4.45 14.84
C PHE B 176 12.01 4.39 14.31
N LEU B 177 11.80 4.96 13.12
CA LEU B 177 10.44 5.07 12.61
C LEU B 177 9.97 3.80 11.94
N VAL B 178 8.70 3.49 12.16
CA VAL B 178 8.06 2.30 11.62
C VAL B 178 6.70 2.66 11.00
N TYR B 179 6.32 1.88 9.98
CA TYR B 179 5.06 2.12 9.28
C TYR B 179 4.58 0.79 8.73
N ASN B 180 3.48 0.89 7.99
CA ASN B 180 2.83 -0.21 7.27
C ASN B 180 2.17 -1.18 8.24
N PHE B 181 1.15 -0.69 8.95
CA PHE B 181 0.42 -1.49 9.93
C PHE B 181 -0.96 -0.85 10.15
N VAL B 182 -1.84 -1.60 10.80
CA VAL B 182 -3.19 -1.12 11.07
C VAL B 182 -3.50 -1.32 12.56
N SER B 183 -3.94 -0.24 13.20
CA SER B 183 -4.31 -0.19 14.62
C SER B 183 -3.32 -0.89 15.51
N ILE C 2 -1.88 -5.78 13.78
CA ILE C 2 -1.85 -6.46 12.49
C ILE C 2 -1.03 -5.66 11.49
N GLY C 3 0.17 -6.17 11.17
CA GLY C 3 1.09 -5.45 10.31
C GLY C 3 1.11 -5.95 8.87
N ALA C 4 1.83 -5.21 8.03
CA ALA C 4 2.03 -5.56 6.61
C ALA C 4 2.99 -6.75 6.44
N LYS C 5 3.11 -7.58 7.48
CA LYS C 5 3.68 -8.91 7.37
C LYS C 5 3.66 -9.64 8.74
N LYS C 6 2.73 -9.26 9.62
CA LYS C 6 2.57 -9.91 10.94
C LYS C 6 1.18 -9.72 11.55
N ALA C 7 1.14 -9.60 12.88
CA ALA C 7 -0.12 -9.55 13.61
C ALA C 7 0.05 -8.92 14.99
N VAL D 1 -3.18 -16.16 6.43
CA VAL D 1 -3.66 -14.94 5.79
C VAL D 1 -3.75 -13.78 6.79
N ILE D 2 -3.13 -12.65 6.45
CA ILE D 2 -3.15 -11.46 7.31
C ILE D 2 -4.18 -10.47 6.79
N GLY D 3 -3.93 -9.86 5.63
CA GLY D 3 -4.91 -8.96 5.05
C GLY D 3 -4.83 -7.53 5.55
N ALA D 4 -4.85 -6.57 4.63
CA ALA D 4 -4.72 -5.15 4.99
C ALA D 4 -5.93 -4.61 5.81
N LYS D 5 -6.80 -5.50 6.29
CA LYS D 5 -7.92 -5.07 7.12
C LYS D 5 -8.04 -5.96 8.36
N LYS D 6 -8.23 -7.27 8.19
CA LYS D 6 -8.19 -8.21 9.31
C LYS D 6 -7.33 -9.43 8.99
MG MG E . 29.27 -4.61 15.97
O1 8HB F . 26.10 -4.98 7.53
P2 8HB F . 24.84 -4.14 7.78
O3 8HB F . 23.68 -5.21 7.63
P4 8HB F . 23.42 -6.28 6.45
O5 8HB F . 21.76 -6.11 6.61
C6 8HB F . 21.06 -6.98 5.82
C7 8HB F . 19.74 -7.29 6.52
C8 8HB F . 19.55 -6.51 7.83
C9 8HB F . 18.80 -6.78 5.40
C10 8HB F . 19.92 -8.82 6.77
O11 8HB F . 20.14 -9.14 8.10
C12 8HB F . 18.84 -9.69 6.14
N13 8HB F . 17.90 -10.46 6.98
C14 8HB F . 16.90 -11.29 6.27
C15 8HB F . 15.91 -10.40 5.51
C16 8HB F . 15.32 -9.41 6.53
N17 8HB F . 15.23 -8.00 6.27
C18 8HB F . 14.64 -7.22 7.38
C19 8HB F . 13.22 -6.84 6.84
S20 8HB F . 12.52 -5.43 7.76
C21 8HB F . 11.17 -4.70 6.75
C22 8HB F . 11.70 -3.82 5.60
C23 8HB F . 10.34 -5.83 6.12
O33 8HB F . 10.74 -6.34 5.13
O34 8HB F . 14.96 -9.74 7.60
O35 8HB F . 18.78 -9.76 4.97
O36 8HB F . 23.83 -7.62 6.93
O37 8HB F . 23.92 -5.83 5.12
O38 8HB F . 24.69 -2.95 6.91
O39 8HB F . 24.58 -3.78 9.37
C40 8HB F . 24.85 -2.52 9.92
C41 8HB F . 24.66 -2.76 11.43
C42 8HB F . 25.56 -3.99 11.92
O43 8HB F . 26.88 -3.41 12.05
P44 8HB F . 28.20 -4.35 12.47
O45 8HB F . 28.06 -4.95 13.87
O46 8HB F . 28.23 -5.45 11.42
O47 8HB F . 29.31 -3.41 12.28
C48 8HB F . 25.02 -4.31 13.09
O49 8HB F . 25.25 -3.36 14.26
C50 8HB F . 23.53 -4.16 12.85
N51 8HB F . 23.08 -5.41 12.67
C52 8HB F . 22.85 -5.56 11.33
N53 8HB F . 22.47 -6.84 11.13
C54 8HB F . 22.46 -7.46 12.34
C55 8HB F . 22.86 -6.57 13.28
N56 8HB F . 22.98 -6.91 14.58
C57 8HB F . 22.66 -8.16 14.99
N58 8HB F . 22.23 -9.07 14.07
C59 8HB F . 22.12 -8.74 12.79
N60 8HB F . 21.65 -10.08 12.41
O61 8HB F . 23.47 -3.21 11.63
MG MG G . -32.04 -6.85 -3.84
O1 8HB H . -27.18 0.40 -2.73
P2 8HB H . -25.89 -0.29 -3.15
O3 8HB H . -24.90 -0.20 -1.88
P4 8HB H . -24.80 0.86 -0.67
O5 8HB H . -23.32 0.67 0.01
C6 8HB H . -22.76 -0.61 0.16
C7 8HB H . -21.60 -0.52 1.21
C8 8HB H . -20.95 -1.94 1.27
C9 8HB H . -20.55 0.54 0.78
C10 8HB H . -22.24 -0.12 2.56
O11 8HB H . -22.94 -1.19 3.03
C12 8HB H . -21.26 0.35 3.68
N13 8HB H . -21.07 -0.47 4.86
C14 8HB H . -20.16 -0.03 5.93
C15 8HB H . -18.72 0.17 5.41
C16 8HB H . -18.26 -1.10 4.64
N17 8HB H . -17.83 -0.87 3.27
C18 8HB H . -17.31 -1.97 2.44
C19 8HB H . -15.79 -2.02 2.83
S20 8HB H . -15.07 -3.40 1.85
C21 8HB H . -13.33 -2.96 1.39
C22 8HB H . -13.31 -1.95 0.22
C23 8HB H . -12.60 -2.44 2.64
O33 8HB H . -12.79 -1.35 3.09
O34 8HB H . -18.22 -2.20 5.12
O35 8HB H . -20.67 1.38 3.60
O36 8HB H . -25.80 0.48 0.39
O37 8HB H . -24.90 2.25 -1.22
O38 8HB H . -25.32 0.32 -4.37
O39 8HB H . -25.97 -1.94 -3.33
C40 8HB H . -26.10 -2.60 -4.55
C41 8HB H . -26.46 -4.05 -4.21
C42 8HB H . -27.79 -4.05 -3.29
O43 8HB H . -28.85 -3.87 -4.25
P44 8HB H . -30.42 -3.81 -3.70
O45 8HB H . -30.79 -5.09 -2.98
O46 8HB H . -30.46 -2.70 -2.66
O47 8HB H . -31.20 -3.56 -4.94
C48 8HB H . -27.80 -5.25 -2.76
O49 8HB H . -28.18 -6.31 -3.76
C50 8HB H . -26.31 -5.51 -2.48
N51 8HB H . -26.09 -5.22 -1.20
C52 8HB H . -25.50 -4.02 -1.16
N53 8HB H . -25.33 -3.72 0.16
C54 8HB H . -25.85 -4.72 0.88
C55 8HB H . -26.33 -5.63 0.04
N56 8HB H . -26.93 -6.75 0.47
C57 8HB H . -27.07 -7.02 1.80
N58 8HB H . -26.54 -6.11 2.68
C59 8HB H . -25.94 -5.01 2.23
N60 8HB H . -25.65 -4.54 3.58
O61 8HB H . -25.54 -4.63 -3.48
#